data_5YDT
#
_entry.id   5YDT
#
_cell.length_a   1
_cell.length_b   1
_cell.length_c   1
_cell.angle_alpha   90
_cell.angle_beta   90
_cell.angle_gamma   90
#
_symmetry.space_group_name_H-M   'P 1'
#
loop_
_entity.id
_entity.type
_entity.pdbx_description
1 polymer 'Ribosome biogenesis protein UTP30'
2 polymer 'Saccharomyces cerevisiae strain ALI 308 18S ribosomal RNA gene, partial sequence'
3 polymer "5' ETS RNA"
4 polymer 'Unassigned helices'
#
loop_
_entity_poly.entity_id
_entity_poly.type
_entity_poly.pdbx_seq_one_letter_code
_entity_poly.pdbx_strand_id
1 'polypeptide(L)'
;MVESNDIIKSGLAEKALKALILQCEENPSLKNDKDIHIIINTGKKMGINRDNIPRIIPLTKYKLFKPRDLNILLITKDPS
ALYRETLTKDEHTSELFKEIISVKNLRRRFKGSKLTQLYKDFDLVVADYRVHHLLPEVLGSRFYHGSKKLPYMIRMSKEV
KLKRQQMVEKCDPIYVRAQLRSICKNTSYIPNNDNCLSVRVGYIQKHSIPEILQNIQDTINFLTDKSKRPQGGVIKGGII
SIFVKTSNSTSLPIYQFSEARENQKNEDLSDIKL
;
U5
2 'polyribonucleotide' GACGGAGCCAGCGAGUCUAACCUUGGCCGAGAGGUCUUGGUAAUCUUGUGAAACUCCGUCGUGC SA
3 'polyribonucleotide' UGGGCAUCUUGCGAUUCCA 5A
4 'polypeptide(L)'
;(UNK)(UNK)(UNK)(UNK)(UNK)(UNK)(UNK)(UNK)(UNK)(UNK)(UNK)(UNK)(UNK)(UNK)(UNK)(UNK)
(UNK)(UNK)(UNK)(UNK)(UNK)(UNK)(UNK)(UNK)(UNK)(UNK)(UNK)(UNK)(UNK)(UNK)(UNK)(UNK)
(UNK)(UNK)
;
UC
#
# COMPACT_ATOMS: atom_id res chain seq x y z
N GLY A 11 -17.45 -12.83 17.90
CA GLY A 11 -16.79 -13.24 16.68
C GLY A 11 -15.28 -13.16 16.75
N LEU A 12 -14.63 -13.75 15.74
CA LEU A 12 -13.18 -13.83 15.75
C LEU A 12 -12.53 -12.47 15.53
N ALA A 13 -13.08 -11.70 14.60
CA ALA A 13 -12.44 -10.44 14.20
C ALA A 13 -12.66 -9.35 15.25
N GLU A 14 -13.93 -9.01 15.50
CA GLU A 14 -14.29 -7.79 16.22
C GLU A 14 -13.83 -7.76 17.67
N LYS A 15 -13.69 -8.92 18.32
CA LYS A 15 -13.08 -8.95 19.64
C LYS A 15 -11.62 -8.55 19.56
N ALA A 16 -10.91 -9.03 18.54
CA ALA A 16 -9.52 -8.62 18.34
C ALA A 16 -9.40 -7.18 17.89
N LEU A 17 -10.44 -6.62 17.27
CA LEU A 17 -10.40 -5.21 16.92
C LEU A 17 -10.69 -4.29 18.09
N LYS A 18 -11.52 -4.71 19.05
CA LYS A 18 -11.83 -3.86 20.20
C LYS A 18 -10.60 -3.63 21.07
N ALA A 19 -9.88 -4.70 21.40
CA ALA A 19 -8.67 -4.54 22.20
C ALA A 19 -7.55 -3.89 21.41
N LEU A 20 -7.63 -3.89 20.08
CA LEU A 20 -6.67 -3.18 19.27
C LEU A 20 -6.92 -1.68 19.33
N ILE A 21 -8.18 -1.27 19.25
CA ILE A 21 -8.54 0.13 19.38
C ILE A 21 -8.27 0.64 20.79
N LEU A 22 -8.50 -0.20 21.80
CA LEU A 22 -8.07 0.13 23.16
C LEU A 22 -6.55 0.16 23.28
N GLN A 23 -5.87 -0.67 22.50
CA GLN A 23 -4.41 -0.68 22.52
C GLN A 23 -3.83 0.56 21.86
N CYS A 24 -4.60 1.21 20.99
CA CYS A 24 -4.14 2.45 20.37
C CYS A 24 -3.99 3.57 21.40
N GLU A 25 -4.99 3.75 22.25
CA GLU A 25 -5.09 4.91 23.12
C GLU A 25 -4.37 4.74 24.45
N GLU A 26 -3.40 3.83 24.52
CA GLU A 26 -2.69 3.55 25.74
C GLU A 26 -1.18 3.49 25.59
N ASN A 27 -0.67 3.30 24.37
CA ASN A 27 0.75 3.08 24.12
C ASN A 27 1.22 4.16 23.16
N PRO A 28 2.16 5.03 23.57
CA PRO A 28 2.51 6.18 22.72
C PRO A 28 3.23 5.83 21.43
N SER A 29 3.77 4.61 21.30
CA SER A 29 4.31 4.19 20.01
C SER A 29 3.20 3.94 19.00
N LEU A 30 2.01 3.60 19.47
CA LEU A 30 0.87 3.37 18.59
C LEU A 30 0.00 4.60 18.42
N LYS A 31 0.15 5.61 19.28
CA LYS A 31 -0.66 6.82 19.24
C LYS A 31 -0.36 7.71 18.03
N ASN A 32 0.75 7.48 17.33
CA ASN A 32 1.21 8.39 16.29
C ASN A 32 1.13 7.79 14.89
N ASP A 33 0.45 6.64 14.73
CA ASP A 33 0.36 5.97 13.44
C ASP A 33 -1.07 5.55 13.22
N LYS A 34 -1.73 6.18 12.25
CA LYS A 34 -3.18 6.09 12.11
C LYS A 34 -3.61 5.12 11.01
N ASP A 35 -2.67 4.49 10.31
CA ASP A 35 -3.00 3.56 9.26
C ASP A 35 -3.10 2.14 9.80
N ILE A 36 -4.02 1.36 9.23
CA ILE A 36 -4.27 -0.01 9.65
C ILE A 36 -4.04 -0.91 8.45
N HIS A 37 -3.18 -1.90 8.60
CA HIS A 37 -2.89 -2.83 7.53
C HIS A 37 -3.42 -4.21 7.87
N ILE A 38 -3.39 -5.09 6.88
CA ILE A 38 -3.62 -6.52 7.07
C ILE A 38 -2.52 -7.28 6.35
N ILE A 39 -2.14 -8.43 6.91
CA ILE A 39 -1.06 -9.26 6.39
C ILE A 39 -1.64 -10.62 6.03
N ILE A 40 -1.40 -11.05 4.80
CA ILE A 40 -2.02 -12.24 4.23
C ILE A 40 -0.94 -13.30 4.05
N ASN A 41 -1.03 -14.37 4.82
CA ASN A 41 -0.24 -15.56 4.51
C ASN A 41 -0.95 -16.39 3.47
N THR A 42 -0.30 -16.55 2.32
CA THR A 42 -0.76 -17.45 1.28
C THR A 42 0.03 -18.75 1.37
N GLY A 43 -0.54 -19.81 0.81
CA GLY A 43 0.05 -21.14 0.95
C GLY A 43 1.37 -21.29 0.22
N LYS A 44 1.56 -20.55 -0.86
CA LYS A 44 2.81 -20.57 -1.61
C LYS A 44 3.14 -19.14 -2.00
N LYS A 45 4.23 -18.97 -2.75
CA LYS A 45 4.60 -17.65 -3.20
C LYS A 45 3.77 -17.25 -4.41
N MET A 46 3.68 -15.94 -4.64
CA MET A 46 2.68 -15.42 -5.55
C MET A 46 3.04 -15.62 -7.02
N GLY A 47 4.30 -15.41 -7.39
CA GLY A 47 4.78 -15.73 -8.71
C GLY A 47 5.52 -14.62 -9.42
N ILE A 48 5.09 -13.37 -9.27
CA ILE A 48 5.65 -12.25 -10.03
C ILE A 48 6.16 -11.19 -9.06
N ASN A 49 7.01 -10.30 -9.57
CA ASN A 49 7.65 -9.33 -8.70
C ASN A 49 8.05 -8.08 -9.47
N ARG A 50 8.21 -7.00 -8.69
CA ARG A 50 8.93 -5.79 -9.07
C ARG A 50 8.28 -5.08 -10.26
N ASP A 51 6.95 -5.09 -10.27
CA ASP A 51 6.23 -4.16 -11.12
C ASP A 51 6.48 -2.73 -10.66
N ASN A 52 6.59 -2.54 -9.33
CA ASN A 52 6.68 -1.23 -8.67
C ASN A 52 5.52 -0.33 -9.09
N ILE A 53 4.35 -0.94 -9.22
CA ILE A 53 3.11 -0.29 -9.65
C ILE A 53 2.00 -0.73 -8.70
N PRO A 54 1.26 0.18 -8.09
CA PRO A 54 0.12 -0.22 -7.27
C PRO A 54 -1.05 -0.56 -8.17
N ARG A 55 -1.98 -1.34 -7.62
CA ARG A 55 -3.18 -1.68 -8.38
C ARG A 55 -4.38 -1.70 -7.45
N ILE A 56 -5.46 -1.09 -7.90
CA ILE A 56 -6.53 -0.60 -7.04
C ILE A 56 -7.66 -1.61 -6.96
N ILE A 57 -8.22 -1.77 -5.77
CA ILE A 57 -9.35 -2.66 -5.57
C ILE A 57 -10.61 -1.80 -5.60
N PRO A 58 -11.68 -2.22 -6.28
CA PRO A 58 -12.96 -1.51 -6.15
C PRO A 58 -13.68 -1.88 -4.86
N LEU A 59 -13.67 -0.97 -3.90
CA LEU A 59 -14.45 -1.15 -2.68
C LEU A 59 -15.90 -0.77 -2.94
N THR A 60 -16.82 -1.53 -2.34
CA THR A 60 -18.21 -1.48 -2.73
C THR A 60 -19.14 -0.80 -1.73
N LYS A 61 -18.63 -0.29 -0.61
CA LYS A 61 -19.58 0.25 0.36
C LYS A 61 -19.33 1.70 0.78
N TYR A 62 -18.09 2.13 0.93
CA TYR A 62 -17.88 3.28 1.79
C TYR A 62 -16.55 3.94 1.44
N LYS A 63 -16.48 5.24 1.69
CA LYS A 63 -15.34 6.04 1.29
C LYS A 63 -14.15 5.82 2.20
N LEU A 64 -12.95 6.01 1.65
CA LEU A 64 -11.75 6.21 2.45
C LEU A 64 -11.40 7.68 2.53
N PHE A 65 -11.15 8.31 1.38
CA PHE A 65 -10.77 9.71 1.34
C PHE A 65 -11.38 10.34 0.10
N LYS A 66 -11.25 11.65 -0.01
CA LYS A 66 -11.81 12.43 -1.09
C LYS A 66 -10.82 13.54 -1.45
N PRO A 67 -10.83 14.01 -2.70
CA PRO A 67 -9.83 15.01 -3.13
C PRO A 67 -9.88 16.34 -2.40
N ARG A 68 -11.01 16.67 -1.73
CA ARG A 68 -11.07 17.85 -0.88
C ARG A 68 -10.09 17.80 0.28
N ASP A 69 -9.80 16.61 0.79
CA ASP A 69 -9.19 16.49 2.11
C ASP A 69 -7.67 16.42 2.09
N LEU A 70 -7.03 16.16 0.94
CA LEU A 70 -5.60 15.86 0.95
C LEU A 70 -4.89 16.66 -0.15
N ASN A 71 -3.61 16.37 -0.33
CA ASN A 71 -2.76 17.05 -1.31
C ASN A 71 -2.52 16.13 -2.50
N ILE A 72 -2.62 16.68 -3.71
CA ILE A 72 -2.44 15.91 -4.94
C ILE A 72 -1.38 16.62 -5.79
N LEU A 73 -0.44 15.85 -6.33
CA LEU A 73 0.79 16.35 -6.94
C LEU A 73 1.00 15.68 -8.29
N LEU A 74 1.27 16.47 -9.34
CA LEU A 74 1.35 15.93 -10.69
C LEU A 74 2.67 16.31 -11.37
N ILE A 75 3.17 15.38 -12.18
CA ILE A 75 4.40 15.51 -12.96
C ILE A 75 4.06 15.10 -14.39
N THR A 76 4.78 15.65 -15.38
CA THR A 76 4.56 15.24 -16.76
C THR A 76 5.85 15.37 -17.59
N LYS A 77 5.70 15.23 -18.91
CA LYS A 77 6.76 15.49 -19.87
C LYS A 77 6.61 16.93 -20.39
N ASP A 78 7.66 17.41 -21.06
CA ASP A 78 7.59 18.68 -21.76
C ASP A 78 6.53 18.61 -22.86
N PRO A 79 5.83 19.72 -23.14
CA PRO A 79 5.84 20.97 -22.37
C PRO A 79 4.81 20.96 -21.23
N SER A 80 5.30 21.07 -20.00
CA SER A 80 4.40 21.10 -18.85
C SER A 80 3.60 22.39 -18.79
N ALA A 81 4.10 23.47 -19.38
CA ALA A 81 3.36 24.73 -19.40
C ALA A 81 2.11 24.64 -20.25
N LEU A 82 2.07 23.74 -21.24
CA LEU A 82 0.87 23.53 -22.02
C LEU A 82 -0.24 22.90 -21.18
N TYR A 83 0.12 22.06 -20.22
CA TYR A 83 -0.89 21.32 -19.46
C TYR A 83 -1.11 21.86 -18.05
N ARG A 84 -0.21 22.69 -17.54
CA ARG A 84 -0.40 23.25 -16.20
C ARG A 84 -1.42 24.37 -16.17
N GLU A 85 -1.91 24.80 -17.33
CA GLU A 85 -2.90 25.86 -17.37
C GLU A 85 -4.31 25.32 -17.51
N THR A 86 -4.48 24.17 -18.16
CA THR A 86 -5.82 23.69 -18.51
C THR A 86 -6.59 23.26 -17.28
N LEU A 87 -5.93 22.58 -16.35
CA LEU A 87 -6.57 22.08 -15.15
C LEU A 87 -6.90 23.16 -14.15
N THR A 88 -6.23 24.31 -14.22
CA THR A 88 -6.53 25.43 -13.31
C THR A 88 -7.42 26.48 -13.94
N LYS A 89 -7.62 26.43 -15.26
CA LYS A 89 -8.61 27.25 -15.94
C LYS A 89 -9.97 26.58 -16.01
N ASP A 90 -10.14 25.46 -15.32
CA ASP A 90 -11.44 24.84 -15.12
C ASP A 90 -11.73 24.73 -13.63
N GLU A 91 -12.94 25.14 -13.23
CA GLU A 91 -13.29 25.19 -11.82
C GLU A 91 -13.50 23.80 -11.21
N HIS A 92 -13.75 22.78 -12.04
CA HIS A 92 -13.92 21.43 -11.51
C HIS A 92 -12.60 20.90 -10.97
N THR A 93 -11.49 21.25 -11.63
CA THR A 93 -10.20 20.66 -11.34
C THR A 93 -9.18 21.63 -10.77
N SER A 94 -9.55 22.91 -10.57
CA SER A 94 -8.59 23.88 -10.06
C SER A 94 -8.21 23.59 -8.62
N GLU A 95 -9.12 23.03 -7.85
CA GLU A 95 -8.83 22.62 -6.48
C GLU A 95 -8.23 21.21 -6.41
N LEU A 96 -8.45 20.38 -7.43
CA LEU A 96 -8.11 18.97 -7.34
C LEU A 96 -6.61 18.67 -7.36
N PHE A 97 -5.75 19.68 -7.41
CA PHE A 97 -4.31 19.47 -7.35
C PHE A 97 -3.68 20.55 -6.48
N LYS A 98 -2.44 20.30 -6.09
CA LYS A 98 -1.66 21.25 -5.33
C LYS A 98 -0.48 21.81 -6.10
N GLU A 99 0.25 20.97 -6.83
CA GLU A 99 1.41 21.45 -7.58
C GLU A 99 1.59 20.57 -8.81
N ILE A 100 1.97 21.21 -9.92
CA ILE A 100 2.04 20.56 -11.23
C ILE A 100 3.34 21.00 -11.89
N ILE A 101 4.25 20.06 -12.17
CA ILE A 101 5.48 20.31 -12.92
C ILE A 101 5.85 19.10 -13.76
N SER A 102 6.93 19.25 -14.50
CA SER A 102 7.61 18.20 -15.22
C SER A 102 8.79 17.71 -14.39
N VAL A 103 9.52 16.76 -14.96
CA VAL A 103 10.71 16.25 -14.28
C VAL A 103 11.83 17.28 -14.40
N LYS A 104 11.90 18.01 -15.51
CA LYS A 104 13.06 18.82 -15.82
C LYS A 104 13.15 20.05 -14.92
N ASN A 105 12.05 20.47 -14.31
CA ASN A 105 12.15 21.37 -13.17
C ASN A 105 12.49 20.60 -11.90
N LEU A 106 11.96 19.39 -11.79
CA LEU A 106 11.97 18.64 -10.53
C LEU A 106 13.36 18.18 -10.16
N ARG A 107 14.24 17.98 -11.14
CA ARG A 107 15.59 17.52 -10.83
C ARG A 107 16.41 18.66 -10.23
N ARG A 108 16.11 19.90 -10.59
CA ARG A 108 16.93 21.02 -10.13
C ARG A 108 16.26 21.82 -9.03
N ARG A 109 14.97 21.61 -8.77
CA ARG A 109 14.33 22.26 -7.62
C ARG A 109 14.81 21.67 -6.30
N PHE A 110 14.61 20.37 -6.11
CA PHE A 110 14.69 19.80 -4.78
C PHE A 110 15.66 18.64 -4.73
N LYS A 111 16.87 18.84 -5.28
CA LYS A 111 17.85 17.77 -5.29
C LYS A 111 18.40 17.49 -3.89
N GLY A 112 18.26 16.25 -3.45
CA GLY A 112 18.99 15.77 -2.28
C GLY A 112 18.39 16.03 -0.91
N SER A 113 18.98 16.98 -0.19
CA SER A 113 18.78 17.07 1.25
C SER A 113 17.41 17.63 1.60
N LYS A 114 16.74 18.26 0.65
CA LYS A 114 15.38 18.74 0.86
C LYS A 114 14.38 17.59 0.81
N LEU A 115 14.80 16.43 0.30
CA LEU A 115 13.93 15.32 -0.04
C LEU A 115 13.17 14.77 1.16
N THR A 116 13.72 14.92 2.35
CA THR A 116 13.06 14.45 3.57
C THR A 116 11.76 15.21 3.84
N GLN A 117 11.66 16.45 3.38
CA GLN A 117 10.43 17.21 3.51
C GLN A 117 9.45 16.93 2.38
N LEU A 118 9.73 15.95 1.52
CA LEU A 118 8.80 15.64 0.46
C LEU A 118 7.56 14.94 0.99
N TYR A 119 7.72 13.74 1.58
CA TYR A 119 6.53 13.07 2.09
C TYR A 119 6.05 13.67 3.40
N LYS A 120 6.81 14.59 3.99
CA LYS A 120 6.25 15.47 5.01
C LYS A 120 5.22 16.42 4.42
N ASP A 121 5.49 16.98 3.25
CA ASP A 121 4.64 18.02 2.70
C ASP A 121 3.62 17.48 1.72
N PHE A 122 3.59 16.18 1.49
CA PHE A 122 2.66 15.58 0.54
C PHE A 122 2.18 14.24 1.05
N ASP A 123 1.07 13.80 0.49
CA ASP A 123 0.52 12.50 0.80
C ASP A 123 0.02 11.74 -0.43
N LEU A 124 0.04 12.34 -1.61
CA LEU A 124 -0.28 11.62 -2.83
C LEU A 124 0.46 12.24 -3.99
N VAL A 125 1.06 11.39 -4.82
CA VAL A 125 1.86 11.79 -5.96
C VAL A 125 1.35 11.02 -7.17
N VAL A 126 1.16 11.71 -8.30
CA VAL A 126 0.76 11.06 -9.53
C VAL A 126 1.63 11.61 -10.65
N ALA A 127 1.84 10.79 -11.68
CA ALA A 127 2.64 11.20 -12.83
C ALA A 127 2.05 10.61 -14.11
N ASP A 128 2.38 11.26 -15.23
CA ASP A 128 2.01 10.79 -16.56
C ASP A 128 2.55 9.39 -16.83
N TYR A 129 1.80 8.62 -17.61
CA TYR A 129 2.13 7.23 -17.90
C TYR A 129 3.43 7.10 -18.69
N ARG A 130 3.79 8.11 -19.48
CA ARG A 130 5.01 8.01 -20.26
C ARG A 130 6.25 8.14 -19.39
N VAL A 131 6.19 9.01 -18.40
CA VAL A 131 7.36 9.41 -17.65
C VAL A 131 7.34 8.79 -16.25
N HIS A 132 6.75 7.61 -16.11
CA HIS A 132 6.75 6.97 -14.80
C HIS A 132 8.01 6.14 -14.56
N HIS A 133 8.65 5.66 -15.62
CA HIS A 133 9.67 4.61 -15.50
C HIS A 133 11.01 5.11 -14.98
N LEU A 134 11.08 6.31 -14.42
CA LEU A 134 12.32 6.87 -13.89
C LEU A 134 12.06 7.65 -12.61
N LEU A 135 10.91 7.43 -11.97
CA LEU A 135 10.59 8.08 -10.70
C LEU A 135 11.57 7.82 -9.56
N PRO A 136 11.98 6.58 -9.24
CA PRO A 136 12.86 6.42 -8.06
C PRO A 136 14.27 6.93 -8.27
N GLU A 137 14.66 7.21 -9.52
CA GLU A 137 15.97 7.79 -9.77
C GLU A 137 16.04 9.21 -9.23
N VAL A 138 15.20 10.10 -9.76
CA VAL A 138 15.24 11.50 -9.34
C VAL A 138 14.46 11.74 -8.06
N LEU A 139 13.50 10.88 -7.74
CA LEU A 139 12.62 11.09 -6.60
C LEU A 139 13.32 10.69 -5.31
N GLY A 140 14.30 9.80 -5.40
CA GLY A 140 15.15 9.51 -4.27
C GLY A 140 14.89 8.17 -3.62
N SER A 141 15.95 7.60 -3.03
CA SER A 141 15.84 6.27 -2.45
C SER A 141 15.13 6.30 -1.11
N ARG A 142 15.37 7.34 -0.30
CA ARG A 142 14.86 7.42 1.07
C ARG A 142 13.34 7.53 1.14
N PHE A 143 12.68 7.91 0.04
CA PHE A 143 11.23 7.89 0.00
C PHE A 143 10.71 6.48 0.14
N TYR A 144 11.25 5.57 -0.66
CA TYR A 144 11.09 4.15 -0.41
C TYR A 144 11.76 3.80 0.92
N HIS A 145 11.19 2.85 1.65
CA HIS A 145 9.95 2.15 1.36
C HIS A 145 9.21 2.06 2.67
N GLY A 146 9.30 3.16 3.43
CA GLY A 146 8.94 3.14 4.84
C GLY A 146 7.48 2.86 5.10
N SER A 147 6.59 3.53 4.38
CA SER A 147 5.18 3.18 4.38
C SER A 147 4.77 2.39 3.15
N LYS A 148 5.71 2.19 2.22
CA LYS A 148 5.46 1.79 0.84
C LYS A 148 4.31 2.60 0.24
N LYS A 149 4.46 3.92 0.31
CA LYS A 149 3.69 4.82 -0.53
C LYS A 149 4.49 5.01 -1.80
N LEU A 150 3.80 5.07 -2.93
CA LEU A 150 4.46 5.16 -4.21
C LEU A 150 3.56 5.94 -5.18
N PRO A 151 4.15 6.62 -6.15
CA PRO A 151 3.34 7.46 -7.05
C PRO A 151 2.43 6.66 -7.95
N TYR A 152 1.35 7.29 -8.38
CA TYR A 152 0.32 6.62 -9.16
C TYR A 152 0.44 7.01 -10.62
N MET A 153 -0.20 6.21 -11.47
CA MET A 153 -0.16 6.38 -12.91
C MET A 153 -1.56 6.61 -13.43
N ILE A 154 -1.80 7.77 -14.03
CA ILE A 154 -3.07 8.07 -14.67
C ILE A 154 -2.79 8.52 -16.10
N ARG A 155 -3.87 8.84 -16.80
CA ARG A 155 -3.83 9.30 -18.18
C ARG A 155 -4.13 10.79 -18.23
N MET A 156 -3.65 11.42 -19.30
CA MET A 156 -3.90 12.84 -19.52
C MET A 156 -5.01 13.12 -20.52
N SER A 157 -5.46 12.10 -21.25
CA SER A 157 -6.47 12.31 -22.29
C SER A 157 -7.17 10.99 -22.53
N LYS A 158 -7.86 10.91 -23.66
CA LYS A 158 -8.34 9.63 -24.17
C LYS A 158 -7.23 8.97 -24.99
N GLU A 159 -7.60 7.99 -25.80
CA GLU A 159 -6.63 7.11 -26.44
C GLU A 159 -5.77 7.83 -27.46
N VAL A 160 -4.46 7.59 -27.38
CA VAL A 160 -3.51 7.95 -28.42
C VAL A 160 -2.76 6.69 -28.80
N LYS A 161 -2.87 6.30 -30.06
CA LYS A 161 -2.21 5.12 -30.60
C LYS A 161 -0.89 5.52 -31.25
N LEU A 162 0.04 4.57 -31.31
CA LEU A 162 1.39 4.86 -31.78
C LEU A 162 1.96 3.83 -32.75
N LYS A 163 1.27 3.52 -33.86
CA LYS A 163 1.84 2.51 -34.75
C LYS A 163 2.83 3.13 -35.75
N ARG A 164 2.42 4.13 -36.55
CA ARG A 164 3.32 4.72 -37.53
C ARG A 164 3.21 6.24 -37.66
N GLN A 165 2.53 6.92 -36.75
CA GLN A 165 2.46 8.39 -36.80
C GLN A 165 2.65 8.95 -35.40
N GLN A 166 3.16 10.18 -35.35
CA GLN A 166 3.62 10.79 -34.11
C GLN A 166 2.57 11.80 -33.66
N MET A 167 1.75 11.41 -32.68
CA MET A 167 0.49 12.09 -32.39
C MET A 167 0.54 12.89 -31.10
N VAL A 168 0.05 14.14 -31.17
CA VAL A 168 -0.03 15.03 -30.01
C VAL A 168 -1.34 14.77 -29.28
N GLU A 169 -1.41 15.23 -28.02
CA GLU A 169 -2.54 15.01 -27.14
C GLU A 169 -2.87 16.28 -26.36
N LYS A 170 -4.11 16.38 -25.90
CA LYS A 170 -4.59 17.53 -25.16
C LYS A 170 -5.19 17.08 -23.84
N CYS A 171 -4.90 17.83 -22.77
CA CYS A 171 -5.35 17.46 -21.44
C CYS A 171 -6.86 17.62 -21.31
N ASP A 172 -7.54 16.54 -20.96
CA ASP A 172 -8.98 16.53 -20.78
C ASP A 172 -9.30 16.54 -19.29
N PRO A 173 -9.78 17.67 -18.73
CA PRO A 173 -9.82 17.80 -17.28
C PRO A 173 -10.89 16.96 -16.62
N ILE A 174 -12.00 16.71 -17.31
CA ILE A 174 -13.10 15.95 -16.70
C ILE A 174 -12.69 14.49 -16.55
N TYR A 175 -11.82 14.00 -17.42
CA TYR A 175 -11.30 12.64 -17.28
C TYR A 175 -10.37 12.54 -16.10
N VAL A 176 -9.46 13.51 -15.95
CA VAL A 176 -8.54 13.57 -14.81
C VAL A 176 -9.31 13.65 -13.50
N ARG A 177 -10.39 14.44 -13.51
CA ARG A 177 -11.34 14.44 -12.41
C ARG A 177 -11.99 13.08 -12.21
N ALA A 178 -12.22 12.34 -13.30
CA ALA A 178 -13.00 11.11 -13.20
C ALA A 178 -12.21 9.99 -12.55
N GLN A 179 -10.96 9.76 -12.97
CA GLN A 179 -10.19 8.77 -12.23
C GLN A 179 -9.57 9.33 -10.95
N LEU A 180 -9.43 10.66 -10.87
CA LEU A 180 -8.86 11.24 -9.66
C LEU A 180 -9.83 11.11 -8.49
N ARG A 181 -11.12 11.24 -8.76
CA ARG A 181 -12.11 10.88 -7.74
C ARG A 181 -12.14 9.38 -7.51
N SER A 182 -11.74 8.58 -8.51
CA SER A 182 -11.82 7.13 -8.39
C SER A 182 -10.74 6.56 -7.49
N ILE A 183 -9.58 7.20 -7.43
CA ILE A 183 -8.51 6.67 -6.59
C ILE A 183 -8.68 7.03 -5.13
N CYS A 184 -9.55 7.99 -4.81
CA CYS A 184 -9.62 8.45 -3.44
C CYS A 184 -10.56 7.59 -2.60
N LYS A 185 -11.63 7.10 -3.21
CA LYS A 185 -12.63 6.34 -2.45
C LYS A 185 -12.13 4.94 -2.12
N ASN A 186 -11.20 4.41 -2.90
CA ASN A 186 -10.75 3.03 -2.78
C ASN A 186 -9.39 2.96 -2.09
N THR A 187 -8.81 1.76 -2.11
CA THR A 187 -7.42 1.52 -1.73
C THR A 187 -6.81 0.59 -2.76
N SER A 188 -5.51 0.34 -2.62
CA SER A 188 -4.79 -0.45 -3.62
C SER A 188 -3.87 -1.47 -2.96
N TYR A 189 -3.03 -2.13 -3.76
CA TYR A 189 -2.05 -3.06 -3.20
C TYR A 189 -0.85 -3.15 -4.12
N ILE A 190 0.17 -3.87 -3.64
CA ILE A 190 1.48 -3.94 -4.25
C ILE A 190 1.79 -5.41 -4.51
N PRO A 191 1.91 -5.84 -5.77
CA PRO A 191 2.22 -7.24 -6.03
C PRO A 191 3.71 -7.52 -5.85
N ASN A 192 4.00 -8.67 -5.24
CA ASN A 192 5.38 -9.12 -5.00
C ASN A 192 5.40 -10.64 -4.95
N ASN A 193 6.59 -11.21 -4.78
CA ASN A 193 6.82 -12.62 -5.05
C ASN A 193 7.14 -13.35 -3.76
N ASP A 194 6.36 -13.10 -2.72
CA ASP A 194 6.68 -13.64 -1.41
C ASP A 194 5.46 -14.40 -0.87
N ASN A 195 5.48 -14.73 0.42
CA ASN A 195 4.30 -15.30 1.02
C ASN A 195 3.41 -14.23 1.62
N CYS A 196 3.99 -13.25 2.31
CA CYS A 196 3.20 -12.24 3.00
C CYS A 196 2.79 -11.13 2.04
N LEU A 197 1.67 -10.48 2.39
CA LEU A 197 1.10 -9.41 1.57
C LEU A 197 0.27 -8.51 2.45
N SER A 198 0.59 -7.23 2.46
CA SER A 198 -0.04 -6.24 3.33
C SER A 198 -0.88 -5.27 2.51
N VAL A 199 -2.07 -4.95 3.03
CA VAL A 199 -2.95 -3.96 2.42
C VAL A 199 -3.48 -3.06 3.54
N ARG A 200 -3.33 -1.75 3.38
CA ARG A 200 -4.01 -0.84 4.29
C ARG A 200 -5.51 -0.83 3.99
N VAL A 201 -6.32 -1.09 5.02
CA VAL A 201 -7.76 -1.22 4.81
C VAL A 201 -8.53 -0.37 5.80
N GLY A 202 -7.87 0.04 6.88
CA GLY A 202 -8.55 0.71 7.96
C GLY A 202 -7.87 2.00 8.34
N TYR A 203 -8.65 2.87 8.99
CA TYR A 203 -8.16 4.17 9.42
C TYR A 203 -9.00 4.61 10.61
N ILE A 204 -8.34 4.99 11.68
CA ILE A 204 -9.02 5.21 12.96
C ILE A 204 -9.80 6.52 12.90
N GLN A 205 -10.87 6.59 13.70
CA GLN A 205 -11.78 7.74 13.83
C GLN A 205 -12.48 8.06 12.51
N LYS A 206 -12.65 7.07 11.65
CA LYS A 206 -13.29 7.30 10.37
C LYS A 206 -14.22 6.16 9.98
N HIS A 207 -14.27 5.08 10.75
CA HIS A 207 -15.09 3.92 10.40
C HIS A 207 -15.63 3.29 11.66
N SER A 208 -16.51 2.32 11.47
CA SER A 208 -16.91 1.41 12.54
C SER A 208 -16.18 0.09 12.36
N ILE A 209 -16.44 -0.82 13.30
CA ILE A 209 -15.90 -2.17 13.17
C ILE A 209 -16.49 -2.96 12.00
N PRO A 210 -17.83 -3.04 11.80
CA PRO A 210 -18.30 -3.86 10.67
C PRO A 210 -18.05 -3.27 9.29
N GLU A 211 -17.80 -1.96 9.19
CA GLU A 211 -17.30 -1.42 7.93
C GLU A 211 -15.93 -2.01 7.62
N ILE A 212 -15.09 -2.17 8.64
CA ILE A 212 -13.79 -2.81 8.47
C ILE A 212 -13.96 -4.29 8.14
N LEU A 213 -14.97 -4.94 8.75
CA LEU A 213 -15.27 -6.33 8.43
C LEU A 213 -15.67 -6.49 6.97
N GLN A 214 -16.47 -5.56 6.45
CA GLN A 214 -16.83 -5.62 5.04
C GLN A 214 -15.66 -5.23 4.16
N ASN A 215 -14.75 -4.38 4.65
CA ASN A 215 -13.54 -4.08 3.90
C ASN A 215 -12.68 -5.33 3.73
N ILE A 216 -12.58 -6.13 4.78
CA ILE A 216 -11.77 -7.34 4.73
C ILE A 216 -12.45 -8.41 3.88
N GLN A 217 -13.77 -8.56 4.03
CA GLN A 217 -14.48 -9.55 3.23
C GLN A 217 -14.51 -9.16 1.76
N ASP A 218 -14.58 -7.87 1.46
CA ASP A 218 -14.39 -7.39 0.09
C ASP A 218 -12.97 -7.62 -0.39
N THR A 219 -11.99 -7.54 0.49
CA THR A 219 -10.60 -7.77 0.10
C THR A 219 -10.39 -9.23 -0.31
N ILE A 220 -11.03 -10.16 0.42
CA ILE A 220 -11.03 -11.54 -0.01
C ILE A 220 -11.84 -11.73 -1.29
N ASN A 221 -12.87 -10.91 -1.51
CA ASN A 221 -13.68 -11.01 -2.73
C ASN A 221 -12.87 -10.65 -3.97
N PHE A 222 -12.20 -9.50 -3.96
CA PHE A 222 -11.43 -9.12 -5.15
C PHE A 222 -10.11 -9.87 -5.22
N LEU A 223 -9.53 -10.26 -4.09
CA LEU A 223 -8.19 -10.82 -4.09
C LEU A 223 -8.20 -12.29 -4.47
N THR A 224 -9.27 -13.01 -4.15
CA THR A 224 -9.42 -14.41 -4.55
C THR A 224 -10.40 -14.57 -5.70
N ASP A 225 -10.39 -13.61 -6.63
CA ASP A 225 -11.19 -13.72 -7.84
C ASP A 225 -10.64 -14.82 -8.73
N LYS A 226 -11.40 -15.91 -8.88
CA LYS A 226 -10.92 -17.08 -9.60
C LYS A 226 -11.09 -16.98 -11.11
N SER A 227 -11.50 -15.82 -11.63
CA SER A 227 -11.58 -15.64 -13.08
C SER A 227 -10.22 -15.45 -13.73
N LYS A 228 -9.14 -15.41 -12.93
CA LYS A 228 -7.74 -15.38 -13.37
C LYS A 228 -7.45 -14.14 -14.21
N ARG A 229 -8.13 -13.06 -13.84
CA ARG A 229 -8.09 -11.79 -14.53
C ARG A 229 -6.74 -11.12 -14.29
N PRO A 230 -6.20 -10.44 -15.30
CA PRO A 230 -5.12 -9.50 -15.03
C PRO A 230 -5.61 -8.38 -14.14
N GLN A 231 -4.89 -8.20 -13.03
CA GLN A 231 -5.11 -7.29 -11.90
C GLN A 231 -6.27 -7.76 -11.00
N GLY A 232 -7.00 -8.79 -11.41
CA GLY A 232 -8.11 -9.24 -10.60
C GLY A 232 -7.96 -10.68 -10.19
N GLY A 233 -7.73 -10.88 -8.90
CA GLY A 233 -7.56 -12.22 -8.35
C GLY A 233 -6.33 -12.93 -8.84
N VAL A 234 -5.15 -12.47 -8.41
CA VAL A 234 -3.90 -12.99 -8.96
C VAL A 234 -3.56 -14.35 -8.35
N ILE A 235 -3.66 -14.46 -7.02
CA ILE A 235 -3.15 -15.64 -6.34
C ILE A 235 -4.08 -16.84 -6.58
N LYS A 236 -3.59 -18.01 -6.23
CA LYS A 236 -4.38 -19.23 -6.24
C LYS A 236 -4.05 -20.03 -4.99
N GLY A 237 -4.74 -21.15 -4.83
CA GLY A 237 -4.38 -22.13 -3.83
C GLY A 237 -4.88 -21.86 -2.43
N GLY A 238 -5.61 -20.78 -2.21
CA GLY A 238 -6.19 -20.51 -0.91
C GLY A 238 -5.18 -19.93 0.07
N ILE A 239 -5.70 -19.12 0.97
CA ILE A 239 -4.90 -18.35 1.92
C ILE A 239 -4.74 -19.13 3.21
N ILE A 240 -3.61 -18.91 3.90
CA ILE A 240 -3.41 -19.54 5.19
C ILE A 240 -4.14 -18.77 6.28
N SER A 241 -3.79 -17.50 6.46
CA SER A 241 -4.27 -16.73 7.60
C SER A 241 -4.16 -15.25 7.29
N ILE A 242 -4.86 -14.47 8.10
CA ILE A 242 -4.86 -13.02 7.99
C ILE A 242 -4.58 -12.44 9.37
N PHE A 243 -3.53 -11.64 9.48
CA PHE A 243 -3.19 -10.91 10.69
C PHE A 243 -3.46 -9.43 10.49
N VAL A 244 -3.58 -8.70 11.58
CA VAL A 244 -3.87 -7.27 11.57
C VAL A 244 -2.84 -6.55 12.43
N LYS A 245 -2.23 -5.51 11.88
CA LYS A 245 -1.39 -4.61 12.68
C LYS A 245 -1.47 -3.22 12.09
N THR A 246 -1.30 -2.21 12.95
CA THR A 246 -1.33 -0.83 12.49
C THR A 246 0.03 -0.38 11.99
N SER A 247 0.97 -0.17 12.91
CA SER A 247 2.37 0.02 12.56
C SER A 247 3.35 -0.66 13.49
N ASN A 248 3.00 -0.88 14.76
CA ASN A 248 3.89 -1.54 15.70
C ASN A 248 3.13 -2.49 16.61
N SER A 249 1.83 -2.65 16.44
CA SER A 249 1.06 -3.63 17.18
C SER A 249 1.36 -5.03 16.64
N THR A 250 1.03 -6.04 17.44
CA THR A 250 1.35 -7.40 17.08
C THR A 250 0.42 -7.91 15.98
N SER A 251 0.80 -9.06 15.42
CA SER A 251 0.04 -9.69 14.35
C SER A 251 -1.15 -10.42 14.97
N LEU A 252 -2.26 -9.70 15.11
CA LEU A 252 -3.41 -10.36 15.71
C LEU A 252 -4.24 -11.04 14.63
N PRO A 253 -4.48 -12.34 14.75
CA PRO A 253 -5.13 -13.08 13.66
C PRO A 253 -6.64 -12.90 13.67
N ILE A 254 -7.25 -13.23 12.53
CA ILE A 254 -8.70 -13.39 12.45
C ILE A 254 -9.00 -14.77 11.93
N TYR A 255 -8.56 -15.07 10.72
CA TYR A 255 -8.57 -16.44 10.23
C TYR A 255 -7.21 -17.05 10.46
N GLN A 256 -7.18 -18.37 10.67
CA GLN A 256 -5.94 -19.08 10.94
C GLN A 256 -5.67 -20.15 9.90
N UNK D 1 30.61 -45.42 25.96
CA UNK D 1 31.35 -44.39 26.69
C UNK D 1 31.43 -43.11 25.87
N UNK D 2 32.15 -43.17 24.75
CA UNK D 2 32.27 -42.04 23.86
C UNK D 2 30.98 -41.84 23.07
N UNK D 3 30.41 -42.93 22.59
CA UNK D 3 29.16 -42.89 21.85
C UNK D 3 27.99 -42.58 22.79
N UNK D 4 28.12 -43.02 24.04
CA UNK D 4 27.12 -42.76 25.06
C UNK D 4 27.07 -41.27 25.38
N UNK D 5 28.25 -40.69 25.53
CA UNK D 5 28.37 -39.26 25.78
C UNK D 5 27.98 -38.48 24.52
N UNK D 6 28.13 -39.11 23.36
CA UNK D 6 27.72 -38.50 22.10
C UNK D 6 26.20 -38.44 22.06
N UNK D 7 25.57 -39.45 22.64
CA UNK D 7 24.13 -39.48 22.77
C UNK D 7 23.69 -38.46 23.82
N UNK D 8 24.55 -38.23 24.81
CA UNK D 8 24.23 -37.33 25.91
C UNK D 8 24.28 -35.87 25.48
N UNK D 9 25.35 -35.51 24.78
CA UNK D 9 25.52 -34.16 24.28
C UNK D 9 24.60 -33.93 23.10
N UNK D 10 24.29 -35.01 22.40
CA UNK D 10 23.34 -34.95 21.30
C UNK D 10 21.95 -34.66 21.83
N UNK D 11 21.62 -35.30 22.94
CA UNK D 11 20.32 -35.14 23.57
C UNK D 11 20.21 -33.78 24.25
N UNK D 12 21.29 -33.32 24.86
CA UNK D 12 21.32 -32.03 25.55
C UNK D 12 21.26 -30.91 24.52
N UNK D 13 21.91 -31.14 23.38
CA UNK D 13 21.91 -30.19 22.28
C UNK D 13 20.52 -30.10 21.66
N UNK D 14 19.89 -31.27 21.55
CA UNK D 14 18.53 -31.37 21.04
C UNK D 14 17.55 -30.69 21.98
N UNK D 15 17.86 -30.77 23.27
CA UNK D 15 17.05 -30.13 24.28
C UNK D 15 17.23 -28.62 24.20
N UNK D 16 18.45 -28.19 23.88
CA UNK D 16 18.78 -26.78 23.81
C UNK D 16 18.11 -26.12 22.61
N UNK D 17 18.16 -26.79 21.47
CA UNK D 17 17.51 -26.29 20.26
C UNK D 17 15.98 -26.37 20.42
N UNK D 18 15.55 -27.37 21.16
CA UNK D 18 14.14 -27.57 21.47
C UNK D 18 13.63 -26.40 22.30
N UNK D 19 14.44 -25.99 23.25
CA UNK D 19 14.12 -24.85 24.10
C UNK D 19 14.28 -23.54 23.33
N UNK D 20 15.10 -23.59 22.27
CA UNK D 20 15.32 -22.41 21.46
C UNK D 20 14.09 -22.12 20.60
N UNK D 21 13.48 -23.18 20.06
CA UNK D 21 12.26 -22.98 19.30
C UNK D 21 11.09 -22.73 20.24
N UNK D 22 11.17 -23.38 21.41
CA UNK D 22 10.13 -23.29 22.43
C UNK D 22 10.01 -21.88 22.96
N UNK D 23 11.15 -21.22 23.18
CA UNK D 23 11.17 -19.85 23.64
C UNK D 23 10.67 -18.92 22.54
N UNK D 24 10.90 -19.32 21.29
CA UNK D 24 10.47 -18.54 20.14
C UNK D 24 8.95 -18.56 20.00
N UNK D 25 8.33 -19.69 20.30
CA UNK D 25 6.86 -19.72 20.34
C UNK D 25 6.37 -19.03 21.61
N UNK D 26 7.17 -19.12 22.66
CA UNK D 26 6.81 -18.59 23.98
C UNK D 26 6.81 -17.07 24.01
N UNK D 27 7.57 -16.45 23.11
CA UNK D 27 7.57 -15.00 22.98
C UNK D 27 6.24 -14.53 22.41
N UNK D 28 5.72 -15.30 21.47
CA UNK D 28 4.40 -15.04 20.89
C UNK D 28 3.31 -15.34 21.91
N UNK D 29 3.59 -16.29 22.79
CA UNK D 29 2.64 -16.73 23.81
C UNK D 29 2.25 -15.61 24.78
N UNK D 30 3.25 -14.90 25.30
CA UNK D 30 2.97 -13.75 26.14
C UNK D 30 2.78 -12.52 25.26
N UNK D 31 3.16 -12.65 23.99
CA UNK D 31 3.00 -11.57 23.03
C UNK D 31 1.72 -11.73 22.21
N UNK D 32 0.72 -12.38 22.80
CA UNK D 32 -0.58 -12.53 22.17
C UNK D 32 -1.70 -12.25 23.17
N UNK D 33 -1.32 -12.05 24.43
CA UNK D 33 -2.30 -11.93 25.51
C UNK D 33 -2.84 -10.52 25.67
N UNK D 34 -2.47 -9.62 24.76
CA UNK D 34 -2.96 -8.26 24.79
C UNK D 34 -4.37 -8.18 24.20
#